data_3LTH
#
_entry.id   3LTH
#
_cell.length_a   61.600
_cell.length_b   64.200
_cell.length_c   116.200
_cell.angle_alpha   90.00
_cell.angle_beta   90.00
_cell.angle_gamma   90.00
#
_symmetry.space_group_name_H-M   'P 21 21 21'
#
loop_
_entity.id
_entity.type
_entity.pdbx_description
1 polymer 'UDP-N-acetylglucosamine 1-carboxyvinyltransferase'
2 non-polymer '[(1R)-1-hydroxypropyl]phosphonic acid'
3 non-polymer URIDINE-DIPHOSPHATE-N-ACETYLGLUCOSAMINE
4 water water
#
_entity_poly.entity_id   1
_entity_poly.type   'polypeptide(L)'
_entity_poly.pdbx_seq_one_letter_code
;MDKFRVQGPTRLQGEVTISGAKNAALPILFAALLAEEPVEIQNVPKLKDIDTTMKLLTQLGTKVER(IAS)GSVWIDASN
VNNFSAPYDLVKTMRASIWALGPLVARFGQGQVSLPGGCAIGARPVDLHIFGLEKLGAEIKLEEGYVKASVNGRLKGAHI
VMDKVSVGATVTIMSAATLAEGTTIIENAAREPEIVDTANFLVALGAKISGQGTDRITIEGVERLGGGVYRVLPDRIETG
TFLVAAAISGGKIVCRNAQPDTLDAVLAKLREAGADIETGEDWISLDMHGKRPKAVTVRTAPHPAFPTDMQAQFTLLNLV
AEGTGVITETIFENRFMHVPELIRMGAHAEIESNTVICHGVEKLSGAQVMATDLRASASLVLAGCIAEGTTVVDRIYHID
RGYERIEDKLRALGANIERVKGE
;
_entity_poly.pdbx_strand_id   A
#
# COMPACT_ATOMS: atom_id res chain seq x y z
N MET A 1 -19.18 -3.37 14.88
CA MET A 1 -18.17 -3.52 13.80
C MET A 1 -18.76 -4.33 12.65
N ASP A 2 -18.69 -3.77 11.44
CA ASP A 2 -19.23 -4.45 10.25
C ASP A 2 -18.45 -5.73 9.93
N LYS A 3 -19.13 -6.69 9.30
CA LYS A 3 -18.50 -7.95 8.91
C LYS A 3 -18.93 -8.28 7.48
N PHE A 4 -18.21 -9.16 6.80
CA PHE A 4 -18.65 -9.61 5.50
C PHE A 4 -19.08 -11.06 5.67
N ARG A 5 -20.30 -11.39 5.26
CA ARG A 5 -20.76 -12.79 5.29
C ARG A 5 -20.63 -13.24 3.84
N VAL A 6 -19.90 -14.33 3.63
CA VAL A 6 -19.67 -14.85 2.30
C VAL A 6 -20.18 -16.28 2.21
N GLN A 7 -20.88 -16.61 1.11
CA GLN A 7 -21.37 -17.97 0.90
C GLN A 7 -20.59 -18.53 -0.27
N GLY A 8 -19.89 -19.64 -0.05
CA GLY A 8 -19.09 -20.24 -1.10
C GLY A 8 -19.55 -21.68 -1.31
N PRO A 9 -18.98 -22.39 -2.29
CA PRO A 9 -17.95 -21.85 -3.18
C PRO A 9 -18.46 -21.15 -4.41
N THR A 10 -17.75 -20.11 -4.84
CA THR A 10 -18.11 -19.40 -6.07
C THR A 10 -16.86 -19.13 -6.88
N ARG A 11 -16.92 -19.42 -8.17
CA ARG A 11 -15.79 -19.13 -9.04
C ARG A 11 -15.81 -17.60 -9.21
N LEU A 12 -14.64 -16.96 -9.22
CA LEU A 12 -14.58 -15.51 -9.37
C LEU A 12 -14.03 -15.30 -10.77
N GLN A 13 -14.87 -14.70 -11.62
CA GLN A 13 -14.51 -14.54 -13.00
C GLN A 13 -15.20 -13.34 -13.65
N GLY A 14 -14.56 -12.80 -14.68
CA GLY A 14 -15.15 -11.67 -15.36
C GLY A 14 -14.15 -10.53 -15.46
N GLU A 15 -14.57 -9.31 -15.18
CA GLU A 15 -13.64 -8.20 -15.28
C GLU A 15 -13.74 -7.25 -14.11
N VAL A 16 -12.69 -6.47 -13.90
CA VAL A 16 -12.67 -5.51 -12.81
C VAL A 16 -11.80 -4.33 -13.24
N THR A 17 -12.21 -3.12 -12.88
CA THR A 17 -11.44 -1.94 -13.23
C THR A 17 -10.69 -1.51 -11.97
N ILE A 18 -9.37 -1.58 -12.08
CA ILE A 18 -8.48 -1.27 -10.99
C ILE A 18 -8.47 0.22 -10.66
N SER A 19 -8.53 0.52 -9.37
CA SER A 19 -8.53 1.90 -8.87
C SER A 19 -7.11 2.41 -8.68
N GLY A 20 -6.97 3.71 -8.47
CA GLY A 20 -5.66 4.30 -8.28
C GLY A 20 -5.04 3.70 -7.04
N ALA A 21 -3.70 3.66 -7.02
CA ALA A 21 -2.96 3.07 -5.91
C ALA A 21 -3.09 3.77 -4.57
N LYS A 22 -3.57 3.01 -3.60
CA LYS A 22 -3.67 3.48 -2.22
C LYS A 22 -2.32 4.09 -1.82
N ASN A 23 -1.25 3.34 -2.10
CA ASN A 23 0.08 3.76 -1.69
C ASN A 23 0.84 4.75 -2.54
N ALA A 24 0.22 5.24 -3.62
CA ALA A 24 0.82 6.32 -4.40
C ALA A 24 -0.04 7.54 -4.08
N ALA A 25 -1.37 7.36 -3.98
CA ALA A 25 -2.24 8.49 -3.65
C ALA A 25 -1.83 9.11 -2.31
N LEU A 26 -1.55 8.27 -1.33
CA LEU A 26 -1.21 8.77 -0.01
C LEU A 26 0.08 9.62 0.02
N PRO A 27 1.22 9.11 -0.49
CA PRO A 27 2.39 9.96 -0.43
C PRO A 27 2.26 11.23 -1.32
N ILE A 28 1.46 11.16 -2.38
CA ILE A 28 1.26 12.32 -3.25
C ILE A 28 0.41 13.37 -2.53
N LEU A 29 -0.62 12.93 -1.82
CA LEU A 29 -1.47 13.86 -1.07
C LEU A 29 -0.64 14.59 0.00
N PHE A 30 0.25 13.88 0.68
CA PHE A 30 1.10 14.54 1.67
C PHE A 30 2.17 15.42 1.01
N ALA A 31 2.64 15.02 -0.18
CA ALA A 31 3.62 15.80 -0.91
C ALA A 31 2.98 17.12 -1.36
N ALA A 32 1.66 17.12 -1.55
CA ALA A 32 0.98 18.33 -1.98
C ALA A 32 1.05 19.44 -0.92
N LEU A 33 1.48 19.12 0.29
CA LEU A 33 1.63 20.13 1.32
C LEU A 33 2.72 21.11 0.89
N LEU A 34 3.58 20.68 -0.02
CA LEU A 34 4.66 21.52 -0.53
C LEU A 34 4.19 22.51 -1.60
N ALA A 35 2.98 22.28 -2.14
CA ALA A 35 2.45 23.10 -3.24
C ALA A 35 1.89 24.47 -2.88
N GLU A 36 2.36 25.53 -3.54
CA GLU A 36 1.85 26.87 -3.24
C GLU A 36 0.61 27.18 -4.07
N GLU A 37 0.42 26.47 -5.18
CA GLU A 37 -0.71 26.69 -6.07
C GLU A 37 -1.66 25.51 -6.12
N PRO A 38 -2.89 25.71 -6.64
CA PRO A 38 -3.86 24.61 -6.70
C PRO A 38 -3.35 23.37 -7.39
N VAL A 39 -3.74 22.23 -6.84
CA VAL A 39 -3.33 20.94 -7.38
C VAL A 39 -4.56 20.06 -7.62
N GLU A 40 -4.57 19.32 -8.71
CA GLU A 40 -5.64 18.37 -8.98
C GLU A 40 -4.96 17.01 -9.12
N ILE A 41 -5.31 16.08 -8.23
CA ILE A 41 -4.75 14.75 -8.25
C ILE A 41 -5.87 13.86 -8.75
N GLN A 42 -5.64 13.22 -9.88
CA GLN A 42 -6.65 12.38 -10.52
C GLN A 42 -6.54 10.90 -10.22
N ASN A 43 -7.64 10.18 -10.40
CA ASN A 43 -7.68 8.74 -10.15
C ASN A 43 -7.34 8.36 -8.71
N VAL A 44 -7.85 9.12 -7.75
CA VAL A 44 -7.61 8.84 -6.33
C VAL A 44 -8.67 7.88 -5.83
N PRO A 45 -8.27 6.73 -5.26
CA PRO A 45 -9.28 5.79 -4.78
C PRO A 45 -10.07 6.32 -3.58
N LYS A 46 -11.30 5.83 -3.41
CA LYS A 46 -12.13 6.24 -2.28
C LYS A 46 -11.88 5.17 -1.20
N LEU A 47 -10.97 5.50 -0.29
CA LEU A 47 -10.52 4.61 0.78
C LEU A 47 -10.54 5.34 2.10
N LYS A 48 -10.62 4.59 3.18
CA LYS A 48 -10.64 5.21 4.49
C LYS A 48 -9.35 6.00 4.74
N ASP A 49 -8.21 5.48 4.27
CA ASP A 49 -6.94 6.21 4.50
C ASP A 49 -6.95 7.55 3.77
N ILE A 50 -7.63 7.60 2.62
CA ILE A 50 -7.73 8.86 1.88
C ILE A 50 -8.62 9.83 2.66
N ASP A 51 -9.72 9.33 3.23
CA ASP A 51 -10.57 10.21 4.01
C ASP A 51 -9.81 10.77 5.23
N THR A 52 -9.07 9.90 5.92
CA THR A 52 -8.27 10.33 7.08
C THR A 52 -7.25 11.38 6.64
N THR A 53 -6.60 11.12 5.51
CA THR A 53 -5.63 12.08 4.99
C THR A 53 -6.27 13.44 4.69
N MET A 54 -7.43 13.44 4.05
CA MET A 54 -8.07 14.71 3.74
C MET A 54 -8.39 15.46 5.02
N LYS A 55 -8.84 14.75 6.05
CA LYS A 55 -9.15 15.42 7.32
C LYS A 55 -7.88 15.96 7.97
N LEU A 56 -6.81 15.17 7.92
CA LEU A 56 -5.55 15.61 8.52
C LEU A 56 -5.05 16.86 7.81
N LEU A 57 -4.99 16.83 6.48
CA LEU A 57 -4.53 18.01 5.72
C LEU A 57 -5.40 19.24 6.05
N THR A 58 -6.70 19.05 6.13
CA THR A 58 -7.60 20.15 6.43
C THR A 58 -7.25 20.80 7.78
N GLN A 59 -6.95 19.97 8.76
CA GLN A 59 -6.60 20.47 10.09
C GLN A 59 -5.30 21.28 10.10
N LEU A 60 -4.45 21.07 9.09
CA LEU A 60 -3.21 21.83 9.01
C LEU A 60 -3.47 23.19 8.31
N GLY A 61 -4.68 23.36 7.78
CA GLY A 61 -5.01 24.61 7.08
C GLY A 61 -5.12 24.43 5.57
N THR A 62 -5.09 23.17 5.11
CA THR A 62 -5.22 22.86 3.68
C THR A 62 -6.71 22.88 3.32
N LYS A 63 -7.03 23.31 2.10
CA LYS A 63 -8.44 23.32 1.64
C LYS A 63 -8.48 22.12 0.70
N VAL A 64 -9.32 21.14 1.01
CA VAL A 64 -9.40 19.91 0.25
C VAL A 64 -10.81 19.62 -0.22
N GLU A 65 -10.94 19.04 -1.41
CA GLU A 65 -12.25 18.68 -1.98
C GLU A 65 -12.06 17.45 -2.84
N ARG A 66 -13.09 16.62 -2.98
CA ARG A 66 -12.93 15.47 -3.85
C ARG A 66 -14.27 15.08 -4.47
N GLY A 68 -13.66 11.78 -8.83
CA GLY A 68 -12.64 10.77 -8.94
C GLY A 68 -11.32 11.41 -8.56
N SER A 69 -11.27 12.74 -8.62
CA SER A 69 -10.06 13.49 -8.29
C SER A 69 -10.15 14.12 -6.89
N VAL A 70 -9.01 14.57 -6.40
CA VAL A 70 -8.96 15.28 -5.13
C VAL A 70 -8.28 16.59 -5.47
N TRP A 71 -8.84 17.70 -4.98
CA TRP A 71 -8.29 19.02 -5.23
C TRP A 71 -7.69 19.53 -3.93
N ILE A 72 -6.44 19.98 -4.02
CA ILE A 72 -5.70 20.47 -2.87
C ILE A 72 -5.22 21.90 -3.08
N ASP A 73 -5.46 22.75 -2.08
CA ASP A 73 -4.97 24.13 -2.10
C ASP A 73 -4.29 24.27 -0.74
N ALA A 74 -2.96 24.15 -0.75
CA ALA A 74 -2.20 24.23 0.49
C ALA A 74 -1.59 25.62 0.69
N SER A 75 -2.12 26.62 -0.01
CA SER A 75 -1.57 27.98 0.13
C SER A 75 -1.69 28.55 1.54
N ASN A 76 -2.77 28.23 2.23
CA ASN A 76 -2.99 28.78 3.56
C ASN A 76 -2.66 27.87 4.75
N VAL A 77 -1.86 26.84 4.51
CA VAL A 77 -1.46 25.96 5.60
C VAL A 77 -0.82 26.85 6.68
N ASN A 78 -1.28 26.69 7.92
CA ASN A 78 -0.84 27.55 9.02
C ASN A 78 -0.78 26.90 10.40
N ASN A 79 -1.02 25.59 10.47
CA ASN A 79 -0.94 24.83 11.73
C ASN A 79 0.01 23.68 11.38
N PHE A 80 1.12 23.57 12.09
CA PHE A 80 2.11 22.57 11.75
C PHE A 80 2.18 21.37 12.66
N SER A 81 1.15 21.17 13.47
CA SER A 81 1.07 20.05 14.39
C SER A 81 -0.07 19.14 13.97
N ALA A 82 0.24 17.90 13.58
CA ALA A 82 -0.82 16.99 13.17
C ALA A 82 -1.46 16.36 14.40
N PRO A 83 -2.80 16.31 14.45
CA PRO A 83 -3.53 15.73 15.59
C PRO A 83 -3.34 14.21 15.76
N TYR A 84 -3.06 13.79 16.99
CA TYR A 84 -2.84 12.38 17.30
C TYR A 84 -3.97 11.46 16.81
N ASP A 85 -5.22 11.90 16.94
CA ASP A 85 -6.35 11.07 16.55
C ASP A 85 -6.36 10.71 15.06
N LEU A 86 -5.85 11.58 14.21
CA LEU A 86 -5.82 11.23 12.80
C LEU A 86 -4.51 10.52 12.45
N VAL A 87 -3.45 10.98 13.08
CA VAL A 87 -2.13 10.42 12.82
C VAL A 87 -2.04 8.94 13.15
N LYS A 88 -2.67 8.56 14.26
CA LYS A 88 -2.59 7.18 14.73
C LYS A 88 -3.49 6.19 14.03
N THR A 89 -4.31 6.63 13.09
CA THR A 89 -5.19 5.65 12.46
C THR A 89 -4.63 5.04 11.19
N MET A 90 -3.44 5.48 10.77
CA MET A 90 -2.85 4.93 9.54
C MET A 90 -1.35 5.16 9.55
N ARG A 91 -0.64 4.58 8.58
CA ARG A 91 0.80 4.77 8.50
C ARG A 91 1.22 6.07 7.78
N ALA A 92 0.48 6.42 6.72
CA ALA A 92 0.81 7.56 5.86
C ALA A 92 0.98 8.91 6.55
N SER A 93 0.42 9.04 7.75
CA SER A 93 0.52 10.29 8.50
C SER A 93 1.96 10.74 8.76
N ILE A 94 2.89 9.80 8.78
CA ILE A 94 4.29 10.16 9.00
C ILE A 94 4.81 11.10 7.90
N TRP A 95 4.21 11.01 6.71
CA TRP A 95 4.62 11.84 5.58
C TRP A 95 4.27 13.34 5.69
N ALA A 96 3.56 13.73 6.74
CA ALA A 96 3.27 15.16 6.92
C ALA A 96 4.53 15.88 7.41
N LEU A 97 5.40 15.14 8.10
CA LEU A 97 6.56 15.76 8.73
C LEU A 97 7.57 16.42 7.79
N GLY A 98 8.08 15.67 6.82
CA GLY A 98 9.07 16.25 5.92
C GLY A 98 8.59 17.48 5.16
N PRO A 99 7.38 17.43 4.58
CA PRO A 99 6.90 18.60 3.84
C PRO A 99 6.75 19.82 4.75
N LEU A 100 6.26 19.61 5.97
CA LEU A 100 6.09 20.73 6.88
C LEU A 100 7.42 21.37 7.25
N VAL A 101 8.42 20.57 7.61
CA VAL A 101 9.68 21.20 7.98
C VAL A 101 10.40 21.80 6.75
N ALA A 102 10.26 21.17 5.58
CA ALA A 102 10.93 21.69 4.37
C ALA A 102 10.35 23.02 3.87
N ARG A 103 9.02 23.16 3.97
CA ARG A 103 8.37 24.36 3.50
C ARG A 103 8.19 25.43 4.57
N PHE A 104 7.88 25.03 5.79
CA PHE A 104 7.60 25.99 6.86
C PHE A 104 8.60 26.09 7.98
N GLY A 105 9.63 25.23 7.97
CA GLY A 105 10.64 25.28 9.01
C GLY A 105 10.30 24.49 10.27
N GLN A 106 9.08 23.92 10.32
CA GLN A 106 8.69 23.16 11.49
C GLN A 106 7.51 22.25 11.23
N GLY A 107 7.47 21.15 11.96
CA GLY A 107 6.37 20.19 11.85
C GLY A 107 6.39 19.25 13.03
N GLN A 108 5.21 18.84 13.47
CA GLN A 108 5.09 17.93 14.61
C GLN A 108 4.08 16.83 14.24
N VAL A 109 4.45 15.56 14.40
CA VAL A 109 3.52 14.46 14.11
C VAL A 109 3.75 13.37 15.15
N SER A 110 2.69 12.72 15.62
CA SER A 110 2.84 11.63 16.60
C SER A 110 3.32 10.39 15.85
N LEU A 111 3.67 9.33 16.57
CA LEU A 111 4.10 8.08 15.91
C LEU A 111 2.85 7.60 15.19
N PRO A 112 3.00 7.11 13.96
CA PRO A 112 1.84 6.64 13.20
C PRO A 112 1.20 5.31 13.59
N GLY A 113 0.05 5.05 12.97
CA GLY A 113 -0.66 3.79 13.16
C GLY A 113 -0.49 2.96 11.90
N GLY A 114 -1.56 2.32 11.46
CA GLY A 114 -1.51 1.53 10.24
C GLY A 114 -1.45 0.04 10.52
N CYS A 115 -1.19 -0.76 9.47
CA CYS A 115 -1.12 -2.22 9.63
C CYS A 115 -0.33 -2.68 10.82
N ALA A 116 -0.98 -3.40 11.73
CA ALA A 116 -0.32 -3.88 12.94
C ALA A 116 0.36 -5.20 12.62
N ILE A 117 1.47 -5.09 11.90
CA ILE A 117 2.22 -6.25 11.43
C ILE A 117 3.71 -6.21 11.77
N GLY A 118 4.05 -5.41 12.77
CA GLY A 118 5.42 -5.27 13.19
C GLY A 118 5.55 -4.05 14.07
N ALA A 119 6.76 -3.79 14.56
CA ALA A 119 6.98 -2.63 15.40
C ALA A 119 6.94 -1.35 14.58
N ARG A 120 7.31 -1.47 13.30
CA ARG A 120 7.30 -0.33 12.37
C ARG A 120 7.82 1.02 12.91
N PRO A 121 9.11 1.09 13.22
CA PRO A 121 9.67 2.35 13.72
C PRO A 121 9.78 3.36 12.55
N VAL A 122 10.16 4.60 12.88
CA VAL A 122 10.32 5.66 11.87
C VAL A 122 11.72 6.28 11.99
N ASP A 123 12.65 5.53 12.56
CA ASP A 123 14.02 6.01 12.73
C ASP A 123 14.71 6.42 11.42
N LEU A 124 14.34 5.79 10.30
CA LEU A 124 14.97 6.12 9.03
C LEU A 124 14.48 7.45 8.48
N HIS A 125 13.25 7.81 8.83
CA HIS A 125 12.66 9.09 8.41
C HIS A 125 13.41 10.15 9.19
N ILE A 126 13.59 9.87 10.49
CA ILE A 126 14.28 10.77 11.41
C ILE A 126 15.70 10.96 10.91
N PHE A 127 16.35 9.85 10.62
CA PHE A 127 17.72 9.85 10.10
C PHE A 127 17.85 10.78 8.88
N GLY A 128 16.98 10.59 7.90
CA GLY A 128 17.06 11.38 6.68
C GLY A 128 16.82 12.87 6.86
N LEU A 129 15.81 13.24 7.67
CA LEU A 129 15.55 14.66 7.89
C LEU A 129 16.72 15.33 8.63
N GLU A 130 17.31 14.61 9.57
CA GLU A 130 18.48 15.15 10.29
C GLU A 130 19.63 15.35 9.30
N LYS A 131 19.77 14.42 8.36
CA LYS A 131 20.86 14.55 7.37
C LYS A 131 20.64 15.77 6.49
N LEU A 132 19.37 16.19 6.34
CA LEU A 132 19.02 17.39 5.56
C LEU A 132 19.11 18.66 6.41
N GLY A 133 19.56 18.50 7.65
CA GLY A 133 19.74 19.66 8.51
C GLY A 133 18.67 19.91 9.55
N ALA A 134 17.62 19.09 9.58
CA ALA A 134 16.58 19.33 10.57
C ALA A 134 16.95 18.80 11.95
N GLU A 135 16.46 19.50 12.96
CA GLU A 135 16.64 19.08 14.34
C GLU A 135 15.42 18.20 14.57
N ILE A 136 15.62 17.03 15.17
CA ILE A 136 14.49 16.18 15.49
C ILE A 136 14.46 15.91 16.99
N LYS A 137 13.31 16.11 17.64
CA LYS A 137 13.22 15.77 19.05
C LYS A 137 11.91 15.06 19.31
N LEU A 138 11.98 14.07 20.20
CA LEU A 138 10.83 13.29 20.59
C LEU A 138 10.40 13.84 21.95
N GLU A 139 9.24 14.48 21.98
CA GLU A 139 8.70 15.11 23.19
C GLU A 139 7.19 15.10 23.16
N GLU A 140 6.57 14.91 24.32
CA GLU A 140 5.10 14.93 24.38
C GLU A 140 4.45 14.01 23.35
N GLY A 141 5.05 12.85 23.10
CA GLY A 141 4.50 11.91 22.14
C GLY A 141 4.60 12.34 20.68
N TYR A 142 5.33 13.42 20.41
CA TYR A 142 5.47 13.89 19.04
C TYR A 142 6.90 13.70 18.53
N VAL A 143 7.01 13.64 17.21
CA VAL A 143 8.31 13.60 16.57
C VAL A 143 8.30 15.06 16.07
N LYS A 144 9.17 15.90 16.63
CA LYS A 144 9.20 17.30 16.26
C LYS A 144 10.39 17.63 15.39
N ALA A 145 10.11 18.24 14.24
CA ALA A 145 11.20 18.58 13.34
C ALA A 145 11.23 20.10 13.19
N SER A 146 12.45 20.64 13.17
CA SER A 146 12.58 22.07 12.96
C SER A 146 13.92 22.43 12.35
N VAL A 147 13.95 23.57 11.69
CA VAL A 147 15.16 24.07 11.05
C VAL A 147 15.00 25.58 10.93
N ASN A 148 16.09 26.31 11.02
CA ASN A 148 16.05 27.77 10.92
C ASN A 148 16.50 28.08 9.48
N GLY A 149 15.54 28.38 8.62
CA GLY A 149 15.86 28.64 7.23
C GLY A 149 15.64 27.34 6.44
N ARG A 150 16.26 27.24 5.28
CA ARG A 150 16.09 26.05 4.42
C ARG A 150 16.84 24.82 4.88
N LEU A 151 16.34 23.65 4.47
CA LEU A 151 17.06 22.41 4.71
C LEU A 151 18.23 22.49 3.74
N LYS A 152 19.24 21.65 3.93
CA LYS A 152 20.43 21.65 3.07
C LYS A 152 20.62 20.27 2.44
N GLY A 153 20.84 20.25 1.13
CA GLY A 153 21.00 18.98 0.43
C GLY A 153 22.18 18.20 0.97
N ALA A 154 22.08 16.88 0.97
CA ALA A 154 23.15 16.03 1.50
C ALA A 154 23.23 14.72 0.73
N HIS A 155 24.37 14.02 0.92
CA HIS A 155 24.55 12.73 0.27
C HIS A 155 24.14 11.77 1.40
N ILE A 156 22.95 11.21 1.25
CA ILE A 156 22.35 10.36 2.27
C ILE A 156 22.39 8.89 1.93
N VAL A 157 23.05 8.10 2.76
CA VAL A 157 23.14 6.67 2.50
C VAL A 157 22.19 5.92 3.41
N MET A 158 21.18 5.28 2.81
CA MET A 158 20.23 4.52 3.62
C MET A 158 20.84 3.19 4.02
N ASP A 159 20.80 2.89 5.31
CA ASP A 159 21.37 1.65 5.83
C ASP A 159 20.42 0.49 5.57
N LYS A 160 19.15 0.81 5.33
CA LYS A 160 18.14 -0.21 5.06
C LYS A 160 17.20 0.34 4.02
N VAL A 161 16.52 -0.55 3.30
CA VAL A 161 15.57 -0.13 2.28
C VAL A 161 14.23 0.23 2.93
N SER A 162 13.79 1.46 2.70
CA SER A 162 12.51 1.90 3.26
C SER A 162 11.70 2.71 2.27
N VAL A 163 10.52 2.22 1.93
CA VAL A 163 9.63 2.96 1.03
C VAL A 163 9.32 4.31 1.69
N GLY A 164 8.82 4.25 2.92
CA GLY A 164 8.43 5.47 3.59
C GLY A 164 9.51 6.52 3.76
N ALA A 165 10.68 6.09 4.22
CA ALA A 165 11.76 7.04 4.45
C ALA A 165 12.26 7.61 3.12
N THR A 166 12.26 6.81 2.06
CA THR A 166 12.69 7.31 0.78
C THR A 166 11.74 8.45 0.36
N VAL A 167 10.43 8.23 0.51
CA VAL A 167 9.44 9.29 0.18
C VAL A 167 9.66 10.54 1.06
N THR A 168 9.82 10.35 2.37
CA THR A 168 10.05 11.49 3.29
C THR A 168 11.25 12.33 2.86
N ILE A 169 12.36 11.64 2.63
CA ILE A 169 13.58 12.35 2.25
C ILE A 169 13.51 13.00 0.89
N MET A 170 13.01 12.27 -0.12
CA MET A 170 12.90 12.83 -1.47
C MET A 170 11.98 14.06 -1.46
N SER A 171 10.85 13.94 -0.76
CA SER A 171 9.91 15.04 -0.73
C SER A 171 10.51 16.29 -0.07
N ALA A 172 11.11 16.13 1.11
CA ALA A 172 11.68 17.28 1.82
C ALA A 172 12.82 17.90 1.03
N ALA A 173 13.59 17.06 0.34
CA ALA A 173 14.73 17.51 -0.44
C ALA A 173 14.38 18.45 -1.57
N THR A 174 13.14 18.40 -2.05
CA THR A 174 12.75 19.25 -3.16
C THR A 174 12.86 20.76 -2.88
N LEU A 175 12.82 21.14 -1.60
CA LEU A 175 12.92 22.55 -1.19
C LEU A 175 14.20 22.84 -0.43
N ALA A 176 15.11 21.88 -0.39
CA ALA A 176 16.38 22.06 0.29
C ALA A 176 17.26 22.89 -0.62
N GLU A 177 18.30 23.44 -0.02
CA GLU A 177 19.27 24.23 -0.74
C GLU A 177 20.29 23.25 -1.28
N GLY A 178 20.45 23.20 -2.59
CA GLY A 178 21.43 22.30 -3.16
C GLY A 178 20.89 20.95 -3.55
N THR A 179 21.83 20.04 -3.79
CA THR A 179 21.54 18.69 -4.26
C THR A 179 21.59 17.60 -3.20
N THR A 180 20.57 16.74 -3.23
CA THR A 180 20.47 15.60 -2.33
C THR A 180 20.57 14.34 -3.19
N ILE A 181 21.35 13.38 -2.72
CA ILE A 181 21.49 12.09 -3.40
C ILE A 181 21.12 11.01 -2.37
N ILE A 182 20.06 10.27 -2.63
CA ILE A 182 19.67 9.21 -1.72
C ILE A 182 20.23 7.89 -2.28
N GLU A 183 21.11 7.23 -1.51
CA GLU A 183 21.70 5.95 -1.92
C GLU A 183 20.91 4.84 -1.21
N ASN A 184 20.75 3.72 -1.89
CA ASN A 184 19.98 2.58 -1.40
C ASN A 184 18.51 3.02 -1.20
N ALA A 185 18.01 3.80 -2.16
CA ALA A 185 16.63 4.29 -2.15
C ALA A 185 15.68 3.15 -2.50
N ALA A 186 14.45 3.21 -1.95
CA ALA A 186 13.44 2.19 -2.28
C ALA A 186 13.03 2.44 -3.74
N ARG A 187 12.73 1.37 -4.48
CA ARG A 187 12.41 1.46 -5.90
C ARG A 187 10.95 1.29 -6.27
N GLU A 188 10.09 1.15 -5.28
CA GLU A 188 8.66 0.96 -5.53
C GLU A 188 8.00 1.88 -6.58
N PRO A 189 7.04 1.33 -7.33
CA PRO A 189 6.36 2.12 -8.36
C PRO A 189 5.73 3.39 -7.76
N GLU A 190 5.29 3.31 -6.51
CA GLU A 190 4.67 4.46 -5.85
C GLU A 190 5.69 5.59 -5.62
N ILE A 191 6.96 5.23 -5.46
CA ILE A 191 8.03 6.21 -5.31
C ILE A 191 8.23 6.92 -6.65
N VAL A 192 8.19 6.17 -7.75
CA VAL A 192 8.31 6.78 -9.08
C VAL A 192 7.14 7.75 -9.28
N ASP A 193 5.93 7.29 -8.96
CA ASP A 193 4.73 8.11 -9.10
C ASP A 193 4.82 9.39 -8.25
N THR A 194 5.26 9.26 -6.99
CA THR A 194 5.39 10.44 -6.13
C THR A 194 6.46 11.40 -6.69
N ALA A 195 7.59 10.85 -7.15
CA ALA A 195 8.63 11.66 -7.73
C ALA A 195 8.09 12.46 -8.94
N ASN A 196 7.38 11.77 -9.82
CA ASN A 196 6.89 12.43 -11.02
C ASN A 196 5.81 13.46 -10.70
N PHE A 197 5.08 13.26 -9.60
CA PHE A 197 4.07 14.24 -9.19
C PHE A 197 4.84 15.48 -8.72
N LEU A 198 5.89 15.26 -7.93
CA LEU A 198 6.69 16.38 -7.44
C LEU A 198 7.29 17.16 -8.62
N VAL A 199 7.76 16.43 -9.63
CA VAL A 199 8.33 17.09 -10.80
C VAL A 199 7.26 17.92 -11.52
N ALA A 200 6.03 17.43 -11.54
CA ALA A 200 4.96 18.19 -12.22
C ALA A 200 4.75 19.53 -11.50
N LEU A 201 5.07 19.59 -10.20
CA LEU A 201 4.91 20.83 -9.45
C LEU A 201 6.13 21.75 -9.57
N GLY A 202 7.17 21.25 -10.24
CA GLY A 202 8.36 22.05 -10.42
C GLY A 202 9.64 21.48 -9.81
N ALA A 203 9.54 20.33 -9.14
CA ALA A 203 10.73 19.75 -8.53
C ALA A 203 11.67 19.19 -9.59
N LYS A 204 12.92 18.98 -9.20
CA LYS A 204 13.93 18.43 -10.08
C LYS A 204 14.40 17.12 -9.43
N ILE A 205 13.92 16.01 -9.96
CA ILE A 205 14.25 14.69 -9.42
C ILE A 205 14.58 13.72 -10.54
N SER A 206 15.66 12.95 -10.38
CA SER A 206 16.01 11.94 -11.39
C SER A 206 16.45 10.68 -10.68
N GLY A 207 16.36 9.54 -11.36
CA GLY A 207 16.78 8.30 -10.72
C GLY A 207 15.66 7.53 -10.02
N GLN A 208 14.47 8.10 -9.95
CA GLN A 208 13.36 7.41 -9.29
C GLN A 208 13.14 6.08 -10.00
N GLY A 209 12.97 5.04 -9.20
CA GLY A 209 12.77 3.70 -9.72
C GLY A 209 14.08 2.93 -9.63
N THR A 210 15.19 3.64 -9.36
CA THR A 210 16.50 2.99 -9.21
C THR A 210 16.94 3.13 -7.76
N ASP A 211 18.04 2.50 -7.39
CA ASP A 211 18.49 2.63 -6.01
C ASP A 211 19.13 3.97 -5.68
N ARG A 212 19.25 4.86 -6.65
CA ARG A 212 19.85 6.17 -6.36
C ARG A 212 18.99 7.30 -6.91
N ILE A 213 18.48 8.14 -6.02
CA ILE A 213 17.65 9.27 -6.41
C ILE A 213 18.37 10.58 -6.17
N THR A 214 18.43 11.42 -7.20
CA THR A 214 19.08 12.74 -7.10
C THR A 214 18.04 13.86 -7.18
N ILE A 215 18.05 14.74 -6.17
CA ILE A 215 17.09 15.84 -6.11
C ILE A 215 17.83 17.16 -6.10
N GLU A 216 17.47 18.08 -6.99
CA GLU A 216 18.08 19.40 -6.99
C GLU A 216 17.00 20.33 -6.41
N GLY A 217 17.24 20.83 -5.22
CA GLY A 217 16.25 21.68 -4.56
C GLY A 217 15.91 22.95 -5.32
N VAL A 218 14.66 23.39 -5.19
CA VAL A 218 14.23 24.62 -5.85
C VAL A 218 13.63 25.54 -4.78
N GLU A 219 13.30 26.76 -5.15
CA GLU A 219 12.79 27.69 -4.17
C GLU A 219 11.39 27.35 -3.70
N ARG A 220 10.55 26.92 -4.64
CA ARG A 220 9.18 26.64 -4.28
C ARG A 220 8.54 25.76 -5.33
N LEU A 221 7.45 25.11 -4.94
CA LEU A 221 6.71 24.26 -5.87
C LEU A 221 5.39 24.97 -6.16
N GLY A 222 4.91 24.89 -7.41
CA GLY A 222 3.68 25.55 -7.76
C GLY A 222 2.48 24.62 -7.64
N GLY A 223 1.84 24.34 -8.77
CA GLY A 223 0.67 23.49 -8.78
C GLY A 223 0.66 22.65 -10.04
N GLY A 224 -0.46 22.01 -10.33
CA GLY A 224 -0.52 21.19 -11.53
C GLY A 224 -1.59 20.11 -11.41
N VAL A 225 -1.61 19.20 -12.39
CA VAL A 225 -2.57 18.10 -12.45
C VAL A 225 -1.74 16.83 -12.57
N TYR A 226 -2.14 15.77 -11.86
CA TYR A 226 -1.38 14.53 -11.94
C TYR A 226 -2.30 13.35 -11.72
N ARG A 227 -2.16 12.30 -12.52
CA ARG A 227 -3.01 11.11 -12.37
C ARG A 227 -2.25 10.00 -11.64
N VAL A 228 -2.84 9.50 -10.56
CA VAL A 228 -2.24 8.43 -9.74
C VAL A 228 -2.21 7.12 -10.52
N LEU A 229 -1.11 6.36 -10.42
CA LEU A 229 -1.01 5.10 -11.17
C LEU A 229 -1.94 4.02 -10.61
N PRO A 230 -2.18 2.93 -11.38
CA PRO A 230 -3.07 1.86 -10.92
C PRO A 230 -2.52 1.18 -9.66
N ASP A 231 -3.43 0.62 -8.85
CA ASP A 231 -3.06 -0.09 -7.63
C ASP A 231 -2.60 -1.54 -7.93
N ARG A 232 -1.29 -1.79 -7.84
CA ARG A 232 -0.77 -3.12 -8.15
C ARG A 232 -1.19 -4.20 -7.15
N ILE A 233 -1.41 -3.82 -5.90
CA ILE A 233 -1.81 -4.80 -4.90
C ILE A 233 -3.31 -5.14 -5.09
N GLU A 234 -4.15 -4.15 -5.46
CA GLU A 234 -5.54 -4.48 -5.69
C GLU A 234 -5.53 -5.41 -6.92
N THR A 235 -4.69 -5.09 -7.91
CA THR A 235 -4.61 -5.90 -9.12
C THR A 235 -4.19 -7.32 -8.76
N GLY A 236 -3.08 -7.45 -8.04
CA GLY A 236 -2.61 -8.76 -7.66
C GLY A 236 -3.69 -9.53 -6.90
N THR A 237 -4.44 -8.85 -6.03
CA THR A 237 -5.49 -9.50 -5.26
C THR A 237 -6.57 -10.16 -6.15
N PHE A 238 -7.02 -9.45 -7.18
CA PHE A 238 -8.02 -10.01 -8.08
C PHE A 238 -7.41 -11.09 -9.01
N LEU A 239 -6.13 -10.97 -9.35
CA LEU A 239 -5.51 -12.03 -10.16
C LEU A 239 -5.47 -13.31 -9.30
N VAL A 240 -5.14 -13.16 -8.02
CA VAL A 240 -5.11 -14.30 -7.11
C VAL A 240 -6.53 -14.86 -6.96
N ALA A 241 -7.54 -13.98 -6.93
CA ALA A 241 -8.94 -14.41 -6.81
C ALA A 241 -9.32 -15.33 -7.97
N ALA A 242 -8.83 -15.04 -9.17
CA ALA A 242 -9.14 -15.91 -10.32
C ALA A 242 -8.36 -17.23 -10.17
N ALA A 243 -7.09 -17.10 -9.82
CA ALA A 243 -6.21 -18.24 -9.67
C ALA A 243 -6.67 -19.28 -8.65
N ILE A 244 -7.24 -18.82 -7.55
CA ILE A 244 -7.64 -19.78 -6.54
C ILE A 244 -9.05 -20.34 -6.73
N SER A 245 -9.77 -19.81 -7.70
CA SER A 245 -11.15 -20.22 -7.95
C SER A 245 -11.40 -20.81 -9.34
N GLY A 246 -10.33 -21.07 -10.10
CA GLY A 246 -10.45 -21.64 -11.43
C GLY A 246 -10.99 -20.70 -12.50
N GLY A 247 -11.16 -19.41 -12.19
CA GLY A 247 -11.72 -18.50 -13.18
C GLY A 247 -10.77 -17.71 -14.05
N LYS A 248 -11.35 -16.94 -14.97
CA LYS A 248 -10.59 -16.03 -15.82
C LYS A 248 -11.06 -14.62 -15.46
N ILE A 249 -10.12 -13.71 -15.26
CA ILE A 249 -10.48 -12.35 -14.93
C ILE A 249 -9.59 -11.44 -15.74
N VAL A 250 -10.14 -10.33 -16.19
CA VAL A 250 -9.38 -9.34 -16.92
C VAL A 250 -9.42 -8.11 -16.02
N CYS A 251 -8.24 -7.58 -15.69
CA CYS A 251 -8.15 -6.37 -14.90
C CYS A 251 -7.87 -5.20 -15.86
N ARG A 252 -8.73 -4.21 -15.82
CA ARG A 252 -8.60 -3.01 -16.65
C ARG A 252 -7.98 -1.87 -15.85
N ASN A 253 -7.52 -0.83 -16.55
CA ASN A 253 -6.84 0.32 -15.90
C ASN A 253 -5.69 -0.25 -15.05
N ALA A 254 -4.96 -1.21 -15.61
CA ALA A 254 -3.82 -1.85 -14.93
C ALA A 254 -2.49 -1.34 -15.51
N GLN A 255 -1.40 -1.64 -14.81
CA GLN A 255 -0.06 -1.26 -15.28
C GLN A 255 0.80 -2.50 -15.09
N PRO A 256 0.82 -3.38 -16.11
CA PRO A 256 1.58 -4.62 -16.07
C PRO A 256 3.03 -4.56 -15.57
N ASP A 257 3.77 -3.51 -15.91
CA ASP A 257 5.18 -3.50 -15.51
C ASP A 257 5.45 -3.31 -14.03
N THR A 258 4.39 -3.12 -13.24
CA THR A 258 4.56 -2.98 -11.80
C THR A 258 4.44 -4.33 -11.13
N LEU A 259 4.18 -5.37 -11.91
CA LEU A 259 3.94 -6.69 -11.34
C LEU A 259 4.78 -7.84 -11.90
N ASP A 260 5.97 -7.54 -12.39
CA ASP A 260 6.78 -8.60 -12.98
C ASP A 260 6.89 -9.83 -12.06
N ALA A 261 7.27 -9.63 -10.79
CA ALA A 261 7.44 -10.78 -9.90
C ALA A 261 6.15 -11.54 -9.58
N VAL A 262 5.07 -10.81 -9.37
CA VAL A 262 3.78 -11.43 -9.06
C VAL A 262 3.28 -12.23 -10.26
N LEU A 263 3.41 -11.67 -11.46
CA LEU A 263 2.95 -12.39 -12.66
C LEU A 263 3.78 -13.65 -12.88
N ALA A 264 5.09 -13.54 -12.67
CA ALA A 264 5.97 -14.69 -12.85
C ALA A 264 5.62 -15.80 -11.86
N LYS A 265 5.29 -15.43 -10.63
CA LYS A 265 4.94 -16.41 -9.61
C LYS A 265 3.60 -17.07 -9.94
N LEU A 266 2.66 -16.30 -10.48
CA LEU A 266 1.38 -16.86 -10.88
C LEU A 266 1.60 -17.82 -12.05
N ARG A 267 2.51 -17.47 -12.97
CA ARG A 267 2.77 -18.42 -14.07
C ARG A 267 3.33 -19.73 -13.54
N GLU A 268 4.16 -19.67 -12.49
CA GLU A 268 4.72 -20.89 -11.90
C GLU A 268 3.61 -21.72 -11.30
N ALA A 269 2.58 -21.02 -10.81
CA ALA A 269 1.46 -21.69 -10.19
C ALA A 269 0.53 -22.30 -11.25
N GLY A 270 0.81 -22.07 -12.53
CA GLY A 270 -0.03 -22.66 -13.58
C GLY A 270 -0.94 -21.72 -14.34
N ALA A 271 -0.90 -20.44 -13.98
CA ALA A 271 -1.75 -19.43 -14.61
C ALA A 271 -1.40 -19.11 -16.07
N ASP A 272 -2.42 -18.86 -16.89
CA ASP A 272 -2.22 -18.48 -18.30
C ASP A 272 -2.47 -16.99 -18.31
N ILE A 273 -1.38 -16.23 -18.35
CA ILE A 273 -1.47 -14.78 -18.28
C ILE A 273 -1.15 -14.06 -19.58
N GLU A 274 -1.95 -13.04 -19.88
CA GLU A 274 -1.71 -12.19 -21.06
C GLU A 274 -1.77 -10.77 -20.56
N THR A 275 -1.08 -9.86 -21.24
CA THR A 275 -1.08 -8.46 -20.84
C THR A 275 -1.15 -7.57 -22.07
N GLY A 276 -1.62 -6.36 -21.87
CA GLY A 276 -1.69 -5.39 -22.95
C GLY A 276 -1.13 -4.11 -22.34
N GLU A 277 -1.32 -2.97 -22.99
CA GLU A 277 -0.79 -1.72 -22.45
C GLU A 277 -1.33 -1.35 -21.08
N ASP A 278 -2.63 -1.56 -20.89
CA ASP A 278 -3.28 -1.21 -19.63
C ASP A 278 -4.20 -2.29 -19.11
N TRP A 279 -3.90 -3.56 -19.39
CA TRP A 279 -4.75 -4.63 -18.87
C TRP A 279 -3.97 -5.92 -18.63
N ILE A 280 -4.52 -6.81 -17.81
CA ILE A 280 -3.90 -8.07 -17.50
C ILE A 280 -5.00 -9.11 -17.39
N SER A 281 -4.86 -10.23 -18.08
CA SER A 281 -5.87 -11.28 -17.96
C SER A 281 -5.20 -12.51 -17.39
N LEU A 282 -5.97 -13.30 -16.66
CA LEU A 282 -5.44 -14.52 -16.05
C LEU A 282 -6.51 -15.59 -16.20
N ASP A 283 -6.16 -16.70 -16.84
CA ASP A 283 -7.10 -17.80 -17.04
C ASP A 283 -6.48 -19.04 -16.40
N MET A 284 -7.12 -19.59 -15.39
CA MET A 284 -6.62 -20.79 -14.74
C MET A 284 -7.12 -22.01 -15.49
N HIS A 285 -8.04 -21.80 -16.42
CA HIS A 285 -8.60 -22.92 -17.20
C HIS A 285 -9.25 -23.93 -16.23
N GLY A 286 -9.82 -23.43 -15.13
CA GLY A 286 -10.49 -24.26 -14.14
C GLY A 286 -9.58 -25.14 -13.31
N LYS A 287 -8.28 -25.02 -13.55
CA LYS A 287 -7.31 -25.85 -12.85
C LYS A 287 -6.87 -25.37 -11.48
N ARG A 288 -6.54 -26.33 -10.64
CA ARG A 288 -6.07 -26.06 -9.29
C ARG A 288 -4.64 -25.50 -9.42
N PRO A 289 -4.29 -24.49 -8.64
CA PRO A 289 -2.92 -23.97 -8.79
C PRO A 289 -1.87 -24.95 -8.27
N LYS A 290 -0.65 -24.79 -8.77
CA LYS A 290 0.46 -25.61 -8.30
C LYS A 290 1.16 -24.83 -7.22
N ALA A 291 1.55 -25.51 -6.16
CA ALA A 291 2.23 -24.85 -5.04
C ALA A 291 3.51 -24.17 -5.49
N VAL A 292 3.80 -23.02 -4.89
CA VAL A 292 5.01 -22.28 -5.26
C VAL A 292 5.78 -21.84 -4.03
N THR A 293 7.01 -21.34 -4.29
CA THR A 293 7.89 -20.82 -3.25
C THR A 293 7.93 -19.30 -3.48
N VAL A 294 7.66 -18.57 -2.42
CA VAL A 294 7.59 -17.12 -2.41
C VAL A 294 8.47 -16.51 -1.33
N ARG A 295 9.26 -15.49 -1.70
CA ARG A 295 10.10 -14.81 -0.71
C ARG A 295 9.88 -13.31 -0.91
N THR A 296 9.34 -12.63 0.10
CA THR A 296 9.11 -11.21 -0.07
C THR A 296 10.43 -10.46 0.04
N ALA A 297 10.49 -9.32 -0.65
CA ALA A 297 11.68 -8.50 -0.66
C ALA A 297 11.28 -7.14 -1.28
N PRO A 298 12.16 -6.12 -1.19
CA PRO A 298 11.82 -4.81 -1.76
C PRO A 298 11.61 -4.86 -3.26
N HIS A 299 10.79 -3.95 -3.80
CA HIS A 299 10.53 -3.92 -5.24
C HIS A 299 11.91 -3.82 -5.95
N PRO A 300 12.05 -4.41 -7.14
CA PRO A 300 11.07 -5.17 -7.93
C PRO A 300 10.86 -6.63 -7.59
N ALA A 301 11.30 -7.06 -6.42
CA ALA A 301 11.09 -8.45 -6.01
C ALA A 301 9.61 -8.64 -5.57
N PHE A 302 9.27 -9.87 -5.18
CA PHE A 302 7.89 -10.16 -4.75
C PHE A 302 7.51 -9.28 -3.56
N PRO A 303 6.37 -8.59 -3.64
CA PRO A 303 5.92 -7.69 -2.57
C PRO A 303 5.27 -8.27 -1.32
N THR A 304 5.68 -7.79 -0.15
CA THR A 304 5.09 -8.26 1.09
C THR A 304 3.58 -7.96 1.07
N ASP A 305 3.15 -6.92 0.34
CA ASP A 305 1.70 -6.64 0.33
C ASP A 305 0.87 -7.70 -0.44
N MET A 306 1.54 -8.65 -1.10
CA MET A 306 0.83 -9.75 -1.78
C MET A 306 1.06 -11.07 -1.03
N GLN A 307 1.76 -11.01 0.09
CA GLN A 307 2.11 -12.22 0.83
C GLN A 307 0.93 -13.02 1.40
N ALA A 308 0.00 -12.36 2.08
CA ALA A 308 -1.13 -13.07 2.65
C ALA A 308 -1.97 -13.73 1.56
N GLN A 309 -2.14 -13.04 0.43
CA GLN A 309 -2.93 -13.56 -0.67
C GLN A 309 -2.26 -14.81 -1.28
N PHE A 310 -0.94 -14.77 -1.45
CA PHE A 310 -0.27 -15.94 -1.99
C PHE A 310 -0.21 -17.08 -0.98
N THR A 311 -0.30 -16.75 0.31
CA THR A 311 -0.34 -17.81 1.32
C THR A 311 -1.65 -18.57 1.08
N LEU A 312 -2.75 -17.84 0.86
CA LEU A 312 -4.04 -18.49 0.60
C LEU A 312 -3.91 -19.34 -0.67
N LEU A 313 -3.26 -18.81 -1.70
CA LEU A 313 -3.12 -19.57 -2.93
C LEU A 313 -2.40 -20.89 -2.68
N ASN A 314 -1.32 -20.86 -1.93
CA ASN A 314 -0.58 -22.09 -1.66
C ASN A 314 -1.39 -23.07 -0.82
N LEU A 315 -2.22 -22.54 0.08
CA LEU A 315 -3.00 -23.42 0.95
C LEU A 315 -4.13 -24.18 0.22
N VAL A 316 -4.46 -23.78 -1.01
CA VAL A 316 -5.46 -24.55 -1.80
C VAL A 316 -4.82 -25.12 -3.08
N ALA A 317 -3.50 -24.99 -3.15
CA ALA A 317 -2.71 -25.47 -4.28
C ALA A 317 -2.41 -26.95 -4.17
N GLU A 318 -1.86 -27.50 -5.23
CA GLU A 318 -1.50 -28.90 -5.23
C GLU A 318 -0.05 -28.98 -4.76
N GLY A 319 0.22 -29.68 -3.68
CA GLY A 319 1.59 -29.82 -3.22
C GLY A 319 2.01 -28.96 -2.06
N THR A 320 3.29 -29.04 -1.75
CA THR A 320 3.86 -28.29 -0.64
C THR A 320 4.55 -27.03 -1.15
N GLY A 321 4.14 -25.91 -0.59
CA GLY A 321 4.68 -24.61 -0.98
C GLY A 321 5.33 -23.91 0.21
N VAL A 322 5.95 -22.76 -0.06
CA VAL A 322 6.65 -22.00 0.97
C VAL A 322 6.38 -20.51 0.88
N ILE A 323 6.19 -19.85 2.02
CA ILE A 323 5.99 -18.40 2.03
C ILE A 323 7.02 -17.87 3.04
N THR A 324 7.99 -17.09 2.56
CA THR A 324 9.01 -16.52 3.44
C THR A 324 8.81 -14.99 3.45
N GLU A 325 8.59 -14.46 4.65
CA GLU A 325 8.35 -13.03 4.85
C GLU A 325 9.61 -12.38 5.46
N THR A 326 10.27 -11.53 4.68
CA THR A 326 11.51 -10.88 5.14
C THR A 326 11.36 -9.40 5.49
N ILE A 327 10.20 -8.82 5.23
CA ILE A 327 10.00 -7.41 5.47
C ILE A 327 9.43 -7.08 6.85
N PHE A 328 8.31 -7.72 7.19
CA PHE A 328 7.68 -7.44 8.47
C PHE A 328 7.77 -8.66 9.36
N GLU A 329 7.88 -8.44 10.66
CA GLU A 329 8.04 -9.54 11.62
C GLU A 329 6.76 -10.17 12.18
N ASN A 330 5.62 -9.52 12.01
CA ASN A 330 4.38 -10.09 12.53
C ASN A 330 3.29 -10.12 11.45
N ARG A 331 3.59 -10.73 10.32
CA ARG A 331 2.61 -10.79 9.24
C ARG A 331 2.12 -12.20 8.87
N PHE A 332 1.88 -13.04 9.89
CA PHE A 332 1.39 -14.40 9.63
C PHE A 332 0.07 -14.72 10.36
N MET A 333 -0.58 -13.76 10.99
CA MET A 333 -1.80 -14.11 11.68
C MET A 333 -2.98 -14.59 10.84
N HIS A 334 -2.90 -14.48 9.51
CA HIS A 334 -3.97 -15.02 8.66
C HIS A 334 -3.85 -16.56 8.66
N VAL A 335 -2.66 -17.06 8.97
CA VAL A 335 -2.43 -18.51 8.93
C VAL A 335 -3.31 -19.33 9.90
N PRO A 336 -3.31 -19.01 11.20
CA PRO A 336 -4.17 -19.83 12.06
C PRO A 336 -5.66 -19.69 11.69
N GLU A 337 -6.06 -18.58 11.11
CA GLU A 337 -7.47 -18.45 10.71
C GLU A 337 -7.74 -19.36 9.51
N LEU A 338 -6.81 -19.45 8.56
CA LEU A 338 -7.03 -20.32 7.41
C LEU A 338 -6.98 -21.78 7.86
N ILE A 339 -6.18 -22.07 8.87
CA ILE A 339 -6.11 -23.43 9.40
C ILE A 339 -7.48 -23.79 9.98
N ARG A 340 -8.19 -22.83 10.57
CA ARG A 340 -9.54 -23.12 11.13
C ARG A 340 -10.54 -23.35 9.99
N MET A 341 -10.20 -22.90 8.79
CA MET A 341 -11.01 -23.13 7.61
C MET A 341 -10.54 -24.41 6.89
N GLY A 342 -9.69 -25.17 7.56
CA GLY A 342 -9.22 -26.42 6.96
C GLY A 342 -7.84 -26.48 6.32
N ALA A 343 -7.09 -25.39 6.35
CA ALA A 343 -5.76 -25.41 5.76
C ALA A 343 -4.76 -26.16 6.63
N HIS A 344 -3.64 -26.55 6.01
CA HIS A 344 -2.57 -27.26 6.68
C HIS A 344 -1.30 -26.45 6.45
N ALA A 345 -0.70 -26.00 7.54
CA ALA A 345 0.52 -25.22 7.43
C ALA A 345 1.24 -25.21 8.76
N GLU A 346 2.56 -25.05 8.70
CA GLU A 346 3.40 -24.96 9.89
C GLU A 346 4.22 -23.68 9.77
N ILE A 347 4.31 -22.92 10.86
CA ILE A 347 5.10 -21.71 10.85
C ILE A 347 6.44 -22.02 11.47
N GLU A 348 7.50 -21.69 10.74
CA GLU A 348 8.88 -21.93 11.17
C GLU A 348 9.63 -20.63 10.99
N SER A 349 9.76 -19.89 12.09
CA SER A 349 10.45 -18.61 12.07
C SER A 349 9.73 -17.68 11.08
N ASN A 350 10.46 -17.13 10.11
CA ASN A 350 9.81 -16.22 9.15
C ASN A 350 9.27 -16.94 7.91
N THR A 351 8.96 -18.22 8.04
CA THR A 351 8.45 -18.98 6.89
C THR A 351 7.21 -19.81 7.21
N VAL A 352 6.31 -19.93 6.24
CA VAL A 352 5.17 -20.79 6.47
C VAL A 352 5.30 -21.93 5.45
N ILE A 353 5.29 -23.16 5.95
CA ILE A 353 5.35 -24.36 5.10
C ILE A 353 3.87 -24.68 4.82
N CYS A 354 3.48 -24.63 3.55
CA CYS A 354 2.08 -24.84 3.16
C CYS A 354 1.86 -26.22 2.54
N HIS A 355 0.77 -26.88 2.93
CA HIS A 355 0.45 -28.21 2.38
C HIS A 355 -0.98 -28.03 1.85
N GLY A 356 -1.09 -27.77 0.55
CA GLY A 356 -2.38 -27.49 -0.06
C GLY A 356 -3.45 -28.53 0.08
N VAL A 357 -4.68 -28.08 0.31
CA VAL A 357 -5.85 -28.97 0.40
C VAL A 357 -6.79 -28.60 -0.73
N GLU A 358 -7.64 -29.53 -1.13
CA GLU A 358 -8.55 -29.27 -2.23
C GLU A 358 -9.64 -28.22 -1.94
N LYS A 359 -10.18 -28.25 -0.73
CA LYS A 359 -11.24 -27.33 -0.37
C LYS A 359 -11.23 -26.86 1.06
N LEU A 360 -11.52 -25.58 1.25
CA LEU A 360 -11.60 -24.97 2.56
C LEU A 360 -13.05 -25.05 3.00
N SER A 361 -13.27 -24.84 4.29
CA SER A 361 -14.61 -24.86 4.90
C SER A 361 -14.86 -23.54 5.58
N GLY A 362 -16.09 -23.05 5.47
CA GLY A 362 -16.46 -21.79 6.07
C GLY A 362 -16.31 -21.73 7.58
N ALA A 363 -15.99 -20.55 8.08
CA ALA A 363 -15.82 -20.36 9.52
C ALA A 363 -15.92 -18.88 9.86
N GLN A 364 -16.03 -18.60 11.16
CA GLN A 364 -16.07 -17.25 11.67
C GLN A 364 -14.59 -16.90 11.83
N VAL A 365 -14.09 -15.95 11.04
CA VAL A 365 -12.69 -15.58 11.11
C VAL A 365 -12.48 -14.06 11.22
N MET A 366 -11.25 -13.66 11.54
CA MET A 366 -10.95 -12.24 11.73
C MET A 366 -9.44 -11.98 11.57
N ALA A 367 -9.10 -10.85 10.95
CA ALA A 367 -7.69 -10.46 10.80
C ALA A 367 -7.61 -9.01 11.29
N THR A 368 -6.48 -8.63 11.85
CA THR A 368 -6.34 -7.29 12.34
C THR A 368 -5.58 -6.36 11.40
N ASP A 369 -5.54 -6.69 10.11
CA ASP A 369 -4.90 -5.79 9.16
C ASP A 369 -5.46 -5.97 7.76
N LEU A 370 -5.31 -4.91 6.96
CA LEU A 370 -5.78 -4.81 5.58
C LEU A 370 -5.65 -6.03 4.65
N ARG A 371 -4.43 -6.43 4.30
CA ARG A 371 -4.27 -7.55 3.36
C ARG A 371 -4.71 -8.90 3.89
N ALA A 372 -4.51 -9.14 5.18
CA ALA A 372 -4.92 -10.41 5.78
C ALA A 372 -6.44 -10.46 5.79
N SER A 373 -7.09 -9.33 6.05
CA SER A 373 -8.56 -9.30 6.06
C SER A 373 -9.10 -9.61 4.65
N ALA A 374 -8.56 -8.94 3.62
CA ALA A 374 -8.98 -9.18 2.26
C ALA A 374 -8.74 -10.66 1.88
N SER A 375 -7.63 -11.24 2.35
CA SER A 375 -7.34 -12.65 2.06
C SER A 375 -8.39 -13.59 2.64
N LEU A 376 -8.91 -13.27 3.83
CA LEU A 376 -9.92 -14.11 4.48
C LEU A 376 -11.23 -14.02 3.71
N VAL A 377 -11.53 -12.83 3.16
CA VAL A 377 -12.72 -12.69 2.34
C VAL A 377 -12.57 -13.57 1.07
N LEU A 378 -11.39 -13.57 0.43
CA LEU A 378 -11.21 -14.42 -0.76
C LEU A 378 -11.35 -15.91 -0.40
N ALA A 379 -10.82 -16.28 0.76
CA ALA A 379 -10.94 -17.66 1.24
C ALA A 379 -12.44 -17.99 1.42
N GLY A 380 -13.20 -17.05 1.96
CA GLY A 380 -14.63 -17.28 2.13
C GLY A 380 -15.32 -17.53 0.80
N CYS A 381 -14.88 -16.83 -0.26
CA CYS A 381 -15.49 -16.99 -1.58
C CYS A 381 -15.33 -18.40 -2.12
N ILE A 382 -14.20 -19.03 -1.82
CA ILE A 382 -13.97 -20.37 -2.34
C ILE A 382 -14.25 -21.51 -1.36
N ALA A 383 -14.48 -21.19 -0.08
CA ALA A 383 -14.75 -22.25 0.90
C ALA A 383 -16.17 -22.79 0.76
N GLU A 384 -16.39 -23.97 1.33
CA GLU A 384 -17.69 -24.59 1.32
C GLU A 384 -18.48 -24.09 2.53
N GLY A 385 -19.61 -23.48 2.25
CA GLY A 385 -20.46 -23.01 3.33
C GLY A 385 -20.37 -21.52 3.56
N THR A 386 -20.62 -21.15 4.81
CA THR A 386 -20.65 -19.76 5.23
C THR A 386 -19.41 -19.34 5.99
N THR A 387 -18.84 -18.21 5.59
CA THR A 387 -17.67 -17.63 6.23
C THR A 387 -18.09 -16.23 6.66
N VAL A 388 -17.74 -15.86 7.87
CA VAL A 388 -18.06 -14.52 8.34
C VAL A 388 -16.72 -13.88 8.71
N VAL A 389 -16.32 -12.84 7.98
CA VAL A 389 -15.05 -12.18 8.31
C VAL A 389 -15.38 -10.94 9.13
N ASP A 390 -14.92 -10.94 10.39
CA ASP A 390 -15.16 -9.81 11.29
C ASP A 390 -14.13 -8.67 11.05
N ARG A 391 -14.48 -7.47 11.51
CA ARG A 391 -13.62 -6.28 11.40
C ARG A 391 -13.13 -5.98 9.98
N ILE A 392 -14.02 -6.01 9.00
CA ILE A 392 -13.62 -5.71 7.62
C ILE A 392 -13.34 -4.23 7.31
N TYR A 393 -13.44 -3.35 8.32
CA TYR A 393 -13.12 -1.95 8.11
C TYR A 393 -11.65 -1.92 7.67
N HIS A 394 -10.89 -2.94 8.04
CA HIS A 394 -9.49 -2.97 7.62
C HIS A 394 -9.38 -2.94 6.10
N ILE A 395 -10.28 -3.65 5.42
CA ILE A 395 -10.29 -3.69 3.94
C ILE A 395 -10.60 -2.31 3.34
N ASP A 396 -11.50 -1.55 3.98
CA ASP A 396 -11.91 -0.21 3.54
C ASP A 396 -10.70 0.74 3.47
N ARG A 397 -9.64 0.42 4.19
CA ARG A 397 -8.44 1.25 4.17
C ARG A 397 -7.70 1.11 2.86
N GLY A 398 -7.86 -0.04 2.20
CA GLY A 398 -7.10 -0.27 0.98
C GLY A 398 -7.80 -0.64 -0.32
N TYR A 399 -9.08 -0.98 -0.26
CA TYR A 399 -9.83 -1.36 -1.47
C TYR A 399 -11.06 -0.49 -1.66
N GLU A 400 -11.19 0.09 -2.84
CA GLU A 400 -12.37 0.88 -3.15
C GLU A 400 -13.40 -0.10 -3.71
N ARG A 401 -14.57 -0.13 -3.07
CA ARG A 401 -15.68 -0.98 -3.52
C ARG A 401 -15.34 -2.46 -3.72
N ILE A 402 -14.65 -3.07 -2.78
CA ILE A 402 -14.33 -4.48 -2.96
C ILE A 402 -15.60 -5.33 -3.02
N GLU A 403 -16.66 -4.89 -2.33
CA GLU A 403 -17.92 -5.65 -2.32
C GLU A 403 -18.56 -5.70 -3.70
N ASP A 404 -18.72 -4.53 -4.33
CA ASP A 404 -19.32 -4.48 -5.67
C ASP A 404 -18.43 -5.22 -6.66
N LYS A 405 -17.11 -5.07 -6.55
CA LYS A 405 -16.21 -5.74 -7.48
C LYS A 405 -16.27 -7.26 -7.35
N LEU A 406 -16.24 -7.76 -6.12
CA LEU A 406 -16.33 -9.20 -5.95
C LEU A 406 -17.71 -9.72 -6.39
N ARG A 407 -18.78 -8.98 -6.11
CA ARG A 407 -20.09 -9.46 -6.55
C ARG A 407 -20.17 -9.54 -8.07
N ALA A 408 -19.54 -8.58 -8.78
CA ALA A 408 -19.56 -8.58 -10.23
C ALA A 408 -18.76 -9.75 -10.76
N LEU A 409 -17.88 -10.30 -9.92
CA LEU A 409 -17.08 -11.46 -10.33
C LEU A 409 -17.76 -12.78 -9.94
N GLY A 410 -18.94 -12.71 -9.32
CA GLY A 410 -19.66 -13.93 -8.92
C GLY A 410 -19.78 -14.24 -7.43
N ALA A 411 -19.17 -13.44 -6.57
CA ALA A 411 -19.22 -13.71 -5.15
C ALA A 411 -20.60 -13.49 -4.53
N ASN A 412 -20.90 -14.30 -3.52
CA ASN A 412 -22.15 -14.20 -2.78
C ASN A 412 -21.65 -13.55 -1.50
N ILE A 413 -21.81 -12.23 -1.42
CA ILE A 413 -21.28 -11.50 -0.29
C ILE A 413 -22.23 -10.45 0.25
N GLU A 414 -22.21 -10.27 1.57
CA GLU A 414 -23.08 -9.27 2.18
C GLU A 414 -22.34 -8.59 3.35
N ARG A 415 -22.51 -7.27 3.47
CA ARG A 415 -21.90 -6.55 4.57
C ARG A 415 -22.96 -6.49 5.67
N VAL A 416 -22.63 -6.97 6.85
CA VAL A 416 -23.60 -6.96 7.94
C VAL A 416 -23.06 -6.18 9.12
N LYS A 417 -23.96 -5.55 9.87
CA LYS A 417 -23.58 -4.76 11.03
C LYS A 417 -23.09 -5.66 12.17
N GLY A 418 -23.68 -6.84 12.30
CA GLY A 418 -23.29 -7.74 13.36
C GLY A 418 -23.52 -7.11 14.73
N GLU A 419 -23.19 -7.86 15.78
CA GLU A 419 -23.41 -7.35 17.12
C GLU A 419 -22.27 -6.44 17.53
#